data_8HN0
#
_entry.id   8HN0
#
_cell.length_a   47.014
_cell.length_b   50.702
_cell.length_c   110.744
_cell.angle_alpha   90.00
_cell.angle_beta   90.00
_cell.angle_gamma   90.00
#
_symmetry.space_group_name_H-M   'P 21 21 21'
#
loop_
_entity.id
_entity.type
_entity.pdbx_description
1 polymer 'Scavenger receptor class F member 1'
2 water water
#
_entity_poly.entity_id   1
_entity_poly.type   'polypeptide(L)'
_entity_poly.pdbx_seq_one_letter_code
;SELDPKGQHVCVASSPSAELQCCAGWRQKDQECTIPICEGPDACQKDEVCVKPGLCRCKPGFFGAHCSSRCPGQYWGPDC
RESCPCHPHGQCEPATGACQCQADRWGARCEFPSRHHHHHH
;
_entity_poly.pdbx_strand_id   A,B
#
# COMPACT_ATOMS: atom_id res chain seq x y z
N GLU A 2 27.57 16.20 -12.82
CA GLU A 2 26.13 16.29 -12.96
C GLU A 2 25.42 15.72 -11.72
N LEU A 3 25.94 14.61 -11.20
CA LEU A 3 25.33 13.97 -10.05
C LEU A 3 25.91 14.53 -8.77
N ASP A 4 25.04 14.92 -7.87
CA ASP A 4 25.42 15.42 -6.56
C ASP A 4 25.63 14.27 -5.58
N PRO A 5 26.82 14.13 -4.96
CA PRO A 5 27.00 13.12 -3.92
C PRO A 5 26.32 13.42 -2.60
N LYS A 6 25.09 13.91 -2.66
CA LYS A 6 24.37 14.26 -1.43
C LYS A 6 23.40 13.18 -1.04
N HIS A 9 19.53 9.85 -2.24
CA HIS A 9 19.56 8.44 -2.63
C HIS A 9 20.64 8.20 -3.68
N VAL A 10 21.79 8.84 -3.52
CA VAL A 10 22.92 8.62 -4.40
C VAL A 10 23.87 7.60 -3.80
N CYS A 11 24.36 6.70 -4.64
CA CYS A 11 25.27 5.63 -4.23
C CYS A 11 26.50 5.63 -5.12
N VAL A 12 27.48 4.80 -4.76
CA VAL A 12 28.73 4.68 -5.50
C VAL A 12 28.82 3.27 -6.08
N ALA A 13 29.24 3.18 -7.35
CA ALA A 13 29.30 1.92 -8.06
C ALA A 13 30.34 0.99 -7.44
N SER A 14 30.02 -0.31 -7.46
CA SER A 14 30.97 -1.30 -6.95
C SER A 14 32.23 -1.36 -7.81
N SER A 15 32.13 -0.99 -9.08
CA SER A 15 33.27 -0.99 -9.98
C SER A 15 34.43 -0.11 -9.55
N PRO A 16 35.59 -0.24 -10.21
CA PRO A 16 36.75 0.58 -9.84
C PRO A 16 36.60 2.05 -10.22
N SER A 17 35.70 2.39 -11.13
CA SER A 17 35.49 3.79 -11.50
C SER A 17 35.05 4.63 -10.31
N ALA A 18 34.46 4.03 -9.29
CA ALA A 18 34.04 4.74 -8.08
C ALA A 18 33.22 5.97 -8.45
N GLU A 19 32.34 5.80 -9.43
CA GLU A 19 31.46 6.87 -9.88
C GLU A 19 30.11 6.79 -9.16
N LEU A 20 29.36 7.88 -9.23
CA LEU A 20 28.10 7.99 -8.54
C LEU A 20 26.95 7.39 -9.34
N GLN A 21 26.00 6.81 -8.63
CA GLN A 21 24.83 6.23 -9.26
C GLN A 21 23.67 6.33 -8.29
N CYS A 22 22.44 6.29 -8.82
CA CYS A 22 21.27 6.17 -7.98
C CYS A 22 21.32 4.84 -7.24
N CYS A 23 20.94 4.85 -5.97
CA CYS A 23 20.84 3.60 -5.22
C CYS A 23 19.74 2.73 -5.82
N ALA A 24 19.80 1.44 -5.53
CA ALA A 24 18.87 0.50 -6.14
C ALA A 24 17.43 0.93 -5.92
N GLY A 25 16.66 0.99 -7.00
CA GLY A 25 15.26 1.33 -6.93
C GLY A 25 14.93 2.77 -7.17
N TRP A 26 15.93 3.63 -7.38
CA TRP A 26 15.69 5.05 -7.49
C TRP A 26 16.29 5.58 -8.78
N ARG A 27 15.67 6.63 -9.31
CA ARG A 27 16.19 7.34 -10.47
C ARG A 27 16.38 8.82 -10.19
N GLN A 28 17.28 9.40 -10.98
CA GLN A 28 17.56 10.83 -10.98
C GLN A 28 16.52 11.55 -11.82
N LYS A 29 16.16 12.77 -11.41
CA LYS A 29 15.44 13.68 -12.28
C LYS A 29 16.16 14.99 -12.49
N ASP A 30 17.09 15.33 -11.59
CA ASP A 30 17.84 16.57 -11.63
C ASP A 30 19.25 16.31 -11.15
N GLN A 31 19.59 16.81 -9.97
CA GLN A 31 20.92 16.55 -9.41
C GLN A 31 20.96 15.45 -8.38
N GLU A 32 19.81 14.87 -8.00
CA GLU A 32 19.70 13.81 -6.98
C GLU A 32 18.72 12.77 -7.48
N CYS A 33 18.59 11.70 -6.70
CA CYS A 33 17.85 10.51 -7.09
C CYS A 33 16.66 10.25 -6.16
N THR A 34 15.60 11.04 -6.29
CA THR A 34 14.41 10.93 -5.44
C THR A 34 13.16 10.49 -6.22
N ILE A 35 13.31 9.98 -7.43
CA ILE A 35 12.21 9.36 -8.16
C ILE A 35 12.24 7.87 -7.88
N PRO A 36 11.24 7.32 -7.17
CA PRO A 36 11.18 5.85 -7.01
C PRO A 36 10.91 5.17 -8.35
N ILE A 37 11.28 3.89 -8.41
CA ILE A 37 11.14 3.09 -9.63
C ILE A 37 10.08 2.04 -9.39
N CYS A 38 9.09 2.00 -10.28
CA CYS A 38 8.04 0.99 -10.30
C CYS A 38 8.06 0.36 -11.69
N GLU A 39 8.43 -0.91 -11.76
CA GLU A 39 8.76 -1.54 -13.03
C GLU A 39 8.06 -2.87 -13.15
N GLY A 40 8.19 -3.48 -14.34
CA GLY A 40 7.85 -4.87 -14.53
C GLY A 40 6.52 -5.25 -13.94
N PRO A 41 6.51 -6.31 -13.11
CA PRO A 41 5.26 -6.72 -12.47
C PRO A 41 4.79 -5.75 -11.40
N ASP A 42 5.66 -4.81 -10.98
CA ASP A 42 5.30 -3.80 -9.99
C ASP A 42 5.00 -2.45 -10.61
N ALA A 43 4.71 -2.40 -11.92
CA ALA A 43 4.39 -1.15 -12.58
C ALA A 43 3.10 -0.57 -12.02
N CYS A 44 3.01 0.76 -12.02
CA CYS A 44 1.86 1.43 -11.43
C CYS A 44 0.70 1.46 -12.41
N GLN A 45 -0.50 1.18 -11.92
CA GLN A 45 -1.70 1.18 -12.74
C GLN A 45 -2.16 2.62 -13.02
N LYS A 46 -3.30 2.76 -13.70
CA LYS A 46 -3.88 4.08 -13.92
C LYS A 46 -4.37 4.63 -12.59
N ASP A 47 -4.16 5.93 -12.39
CA ASP A 47 -4.52 6.64 -11.16
C ASP A 47 -3.71 6.19 -9.96
N GLU A 48 -2.59 5.51 -10.17
CA GLU A 48 -1.63 5.22 -9.12
C GLU A 48 -0.34 5.99 -9.35
N VAL A 49 0.42 6.17 -8.27
CA VAL A 49 1.75 6.77 -8.36
C VAL A 49 2.74 5.88 -7.62
N CYS A 50 3.97 5.86 -8.11
CA CYS A 50 5.06 5.19 -7.40
C CYS A 50 5.56 6.14 -6.32
N VAL A 51 5.55 5.67 -5.06
CA VAL A 51 5.95 6.50 -3.93
C VAL A 51 7.24 6.01 -3.27
N LYS A 52 7.49 4.71 -3.32
CA LYS A 52 8.60 4.06 -2.64
C LYS A 52 8.98 2.93 -3.58
N PRO A 53 10.26 2.53 -3.63
CA PRO A 53 10.66 1.57 -4.67
C PRO A 53 9.83 0.31 -4.68
N GLY A 54 9.27 0.00 -5.84
CA GLY A 54 8.46 -1.19 -5.97
C GLY A 54 7.11 -1.14 -5.28
N LEU A 55 6.64 0.06 -4.93
CA LEU A 55 5.36 0.24 -4.27
C LEU A 55 4.58 1.34 -4.97
N CYS A 56 3.37 1.02 -5.39
CA CYS A 56 2.46 1.97 -5.99
C CYS A 56 1.33 2.23 -5.01
N ARG A 57 0.83 3.47 -5.00
CA ARG A 57 -0.32 3.84 -4.19
C ARG A 57 -1.25 4.70 -5.04
N CYS A 58 -2.51 4.77 -4.63
CA CYS A 58 -3.44 5.68 -5.29
C CYS A 58 -2.90 7.10 -5.24
N LYS A 59 -3.22 7.88 -6.27
CA LYS A 59 -2.72 9.24 -6.36
C LYS A 59 -3.22 10.08 -5.19
N PRO A 60 -2.56 11.22 -4.93
CA PRO A 60 -2.89 11.98 -3.73
C PRO A 60 -4.37 12.29 -3.64
N GLY A 61 -4.94 12.11 -2.45
CA GLY A 61 -6.34 12.37 -2.21
C GLY A 61 -7.31 11.28 -2.62
N PHE A 62 -6.83 10.13 -3.08
CA PHE A 62 -7.70 9.04 -3.50
C PHE A 62 -7.27 7.73 -2.86
N PHE A 63 -8.21 6.80 -2.81
CA PHE A 63 -7.96 5.47 -2.26
C PHE A 63 -8.96 4.51 -2.91
N GLY A 64 -8.82 3.23 -2.59
CA GLY A 64 -9.75 2.21 -3.07
C GLY A 64 -9.18 1.38 -4.21
N ALA A 65 -9.94 0.35 -4.56
CA ALA A 65 -9.45 -0.67 -5.48
C ALA A 65 -9.15 -0.11 -6.87
N HIS A 66 -9.90 0.90 -7.31
CA HIS A 66 -9.63 1.57 -8.58
C HIS A 66 -9.17 3.00 -8.38
N CYS A 67 -8.75 3.34 -7.16
CA CYS A 67 -8.25 4.68 -6.85
C CYS A 67 -9.20 5.76 -7.32
N SER A 68 -10.50 5.51 -7.13
CA SER A 68 -11.54 6.43 -7.55
C SER A 68 -12.38 6.97 -6.40
N SER A 69 -12.12 6.53 -5.16
CA SER A 69 -12.77 7.10 -3.99
C SER A 69 -11.91 8.23 -3.43
N ARG A 70 -12.54 9.39 -3.20
CA ARG A 70 -11.85 10.51 -2.59
C ARG A 70 -11.73 10.31 -1.08
N CYS A 71 -10.55 10.66 -0.55
CA CYS A 71 -10.31 10.56 0.88
C CYS A 71 -11.32 11.39 1.67
N PRO A 72 -11.77 10.91 2.83
CA PRO A 72 -12.52 11.78 3.73
C PRO A 72 -11.64 12.94 4.20
N GLY A 73 -12.30 13.96 4.74
CA GLY A 73 -11.66 15.25 4.92
C GLY A 73 -10.50 15.26 5.90
N GLN A 74 -10.44 14.29 6.81
CA GLN A 74 -9.36 14.27 7.79
C GLN A 74 -8.05 13.72 7.23
N TYR A 75 -7.98 13.39 5.94
CA TYR A 75 -6.76 12.85 5.35
C TYR A 75 -6.41 13.61 4.07
N TRP A 76 -5.14 13.48 3.67
CA TRP A 76 -4.67 13.92 2.36
C TRP A 76 -3.53 13.00 1.94
N GLY A 77 -2.98 13.26 0.76
CA GLY A 77 -1.90 12.46 0.23
C GLY A 77 -2.35 11.13 -0.34
N PRO A 78 -1.42 10.38 -0.92
CA PRO A 78 -1.80 9.13 -1.60
C PRO A 78 -2.33 8.08 -0.63
N ASP A 79 -3.37 7.37 -1.06
CA ASP A 79 -4.07 6.38 -0.23
C ASP A 79 -4.52 6.96 1.11
N CYS A 80 -4.65 8.28 1.18
CA CYS A 80 -5.05 8.97 2.40
C CYS A 80 -4.06 8.73 3.54
N ARG A 81 -2.77 8.63 3.22
CA ARG A 81 -1.80 8.26 4.23
C ARG A 81 -1.47 9.39 5.19
N GLU A 82 -1.78 10.63 4.83
CA GLU A 82 -1.43 11.78 5.66
C GLU A 82 -2.65 12.31 6.41
N SER A 83 -2.39 12.83 7.62
CA SER A 83 -3.43 13.40 8.46
C SER A 83 -3.57 14.88 8.15
N CYS A 84 -4.82 15.36 8.09
CA CYS A 84 -5.08 16.77 7.83
C CYS A 84 -5.26 17.46 9.17
N PRO A 85 -4.31 18.29 9.61
CA PRO A 85 -4.42 18.84 10.98
C PRO A 85 -5.56 19.84 11.14
N CYS A 86 -6.03 20.49 10.08
CA CYS A 86 -7.06 21.51 10.24
C CYS A 86 -8.48 20.99 10.10
N HIS A 87 -8.67 19.72 9.72
CA HIS A 87 -10.00 19.15 9.74
C HIS A 87 -10.56 19.20 11.16
N PRO A 88 -11.84 19.56 11.34
CA PRO A 88 -12.88 19.95 10.37
C PRO A 88 -13.00 21.45 10.13
N HIS A 89 -12.09 22.25 10.68
CA HIS A 89 -12.14 23.70 10.53
C HIS A 89 -11.52 24.18 9.23
N GLY A 90 -11.11 23.28 8.36
CA GLY A 90 -10.53 23.63 7.08
C GLY A 90 -10.35 22.35 6.29
N GLN A 91 -9.79 22.50 5.08
CA GLN A 91 -9.51 21.35 4.26
C GLN A 91 -8.08 21.40 3.75
N CYS A 92 -7.52 20.22 3.48
CA CYS A 92 -6.12 20.09 3.09
C CYS A 92 -6.00 19.82 1.60
N GLU A 93 -5.09 20.54 0.95
CA GLU A 93 -4.77 20.27 -0.45
C GLU A 93 -4.36 18.81 -0.60
N PRO A 94 -4.92 18.09 -1.57
CA PRO A 94 -4.70 16.63 -1.59
C PRO A 94 -3.24 16.22 -1.69
N ALA A 95 -2.41 16.97 -2.41
CA ALA A 95 -1.02 16.59 -2.64
C ALA A 95 -0.04 17.26 -1.67
N THR A 96 -0.30 18.49 -1.25
CA THR A 96 0.61 19.21 -0.38
C THR A 96 0.17 19.28 1.07
N GLY A 97 -1.14 19.18 1.33
CA GLY A 97 -1.66 19.29 2.66
C GLY A 97 -1.98 20.69 3.12
N ALA A 98 -1.69 21.70 2.31
CA ALA A 98 -1.86 23.08 2.73
C ALA A 98 -3.32 23.36 3.06
N CYS A 99 -3.55 23.96 4.22
CA CYS A 99 -4.89 24.15 4.72
C CYS A 99 -5.57 25.33 4.05
N GLN A 100 -6.85 25.15 3.72
CA GLN A 100 -7.74 26.23 3.29
C GLN A 100 -8.72 26.40 4.44
N CYS A 101 -8.47 27.38 5.30
CA CYS A 101 -9.31 27.56 6.48
C CYS A 101 -10.70 28.03 6.07
N GLN A 102 -11.69 27.66 6.87
CA GLN A 102 -13.04 28.17 6.71
C GLN A 102 -13.14 29.67 6.95
N ALA A 103 -14.35 30.21 6.80
CA ALA A 103 -14.56 31.64 6.94
C ALA A 103 -14.14 32.11 8.33
N ASP A 104 -13.32 33.16 8.38
CA ASP A 104 -12.87 33.76 9.63
C ASP A 104 -12.26 32.72 10.59
N ARG A 105 -11.34 31.94 10.05
CA ARG A 105 -10.51 31.03 10.83
C ARG A 105 -9.06 31.28 10.42
N TRP A 106 -8.11 31.02 11.32
CA TRP A 106 -6.72 31.18 10.93
C TRP A 106 -5.81 30.29 11.78
N GLY A 107 -4.53 30.31 11.43
CA GLY A 107 -3.51 29.48 12.02
C GLY A 107 -3.09 28.35 11.11
N ALA A 108 -1.93 27.78 11.39
CA ALA A 108 -1.39 26.72 10.53
C ALA A 108 -2.34 25.53 10.49
N ARG A 109 -3.07 25.32 11.59
CA ARG A 109 -4.05 24.24 11.68
C ARG A 109 -5.47 24.79 11.78
N CYS A 110 -5.67 26.05 11.38
CA CYS A 110 -6.99 26.69 11.45
C CYS A 110 -7.56 26.62 12.86
N GLU A 111 -6.68 26.57 13.87
CA GLU A 111 -7.07 26.35 15.25
C GLU A 111 -7.68 27.59 15.90
N PHE A 112 -7.60 28.75 15.28
CA PHE A 112 -8.06 29.96 15.94
C PHE A 112 -9.36 30.45 15.32
N PRO A 113 -10.36 30.81 16.14
CA PRO A 113 -11.67 31.33 15.71
C PRO A 113 -11.68 32.84 15.52
N SER B 1 4.80 -30.14 6.68
CA SER B 1 4.54 -30.23 5.23
C SER B 1 5.84 -29.90 4.52
N GLU B 2 6.02 -30.41 3.32
CA GLU B 2 7.30 -30.25 2.65
C GLU B 2 7.05 -29.25 1.52
N LEU B 3 8.12 -28.72 0.92
CA LEU B 3 7.96 -27.68 -0.09
C LEU B 3 7.84 -28.25 -1.51
N ASP B 4 6.93 -27.69 -2.28
CA ASP B 4 6.80 -28.00 -3.70
C ASP B 4 7.88 -27.24 -4.46
N PRO B 5 8.74 -27.92 -5.23
CA PRO B 5 9.77 -27.18 -5.98
C PRO B 5 9.21 -26.24 -7.02
N LYS B 6 7.95 -26.41 -7.41
CA LYS B 6 7.28 -25.52 -8.35
C LYS B 6 6.39 -24.51 -7.65
N GLY B 7 6.46 -24.44 -6.31
CA GLY B 7 5.63 -23.52 -5.55
C GLY B 7 6.19 -22.11 -5.48
N GLN B 8 5.33 -21.19 -5.07
CA GLN B 8 5.68 -19.78 -5.07
C GLN B 8 6.83 -19.50 -4.11
N HIS B 9 7.83 -18.76 -4.58
CA HIS B 9 8.91 -18.28 -3.74
C HIS B 9 9.61 -19.43 -3.02
N VAL B 10 9.73 -20.56 -3.69
CA VAL B 10 10.52 -21.68 -3.23
C VAL B 10 11.86 -21.59 -3.95
N CYS B 11 12.95 -21.74 -3.19
CA CYS B 11 14.30 -21.68 -3.72
C CYS B 11 15.03 -22.94 -3.28
N VAL B 12 16.26 -23.11 -3.77
CA VAL B 12 17.08 -24.25 -3.43
C VAL B 12 18.31 -23.76 -2.68
N ALA B 13 18.61 -24.43 -1.56
CA ALA B 13 19.83 -24.16 -0.84
C ALA B 13 20.97 -24.62 -1.72
N SER B 14 21.96 -23.76 -1.78
CA SER B 14 23.17 -23.96 -2.53
C SER B 14 24.24 -24.51 -1.59
N SER B 15 23.85 -24.73 -0.30
CA SER B 15 24.64 -25.56 0.64
C SER B 15 24.74 -26.92 -0.04
N PRO B 16 25.59 -27.86 0.39
CA PRO B 16 25.66 -29.13 -0.36
C PRO B 16 24.42 -30.00 -0.22
N SER B 17 23.64 -29.82 0.85
CA SER B 17 22.39 -30.55 0.99
C SER B 17 21.40 -30.15 -0.10
N ALA B 18 21.49 -28.92 -0.61
CA ALA B 18 20.67 -28.46 -1.73
C ALA B 18 19.20 -28.81 -1.54
N GLU B 19 18.69 -28.62 -0.32
CA GLU B 19 17.29 -28.89 -0.06
C GLU B 19 16.47 -27.63 -0.30
N LEU B 20 15.16 -27.81 -0.37
CA LEU B 20 14.27 -26.70 -0.72
C LEU B 20 14.06 -25.82 0.50
N GLN B 21 14.02 -24.51 0.26
CA GLN B 21 13.75 -23.52 1.30
C GLN B 21 13.05 -22.33 0.67
N CYS B 22 12.37 -21.56 1.50
CA CYS B 22 11.77 -20.32 1.04
C CYS B 22 12.84 -19.36 0.52
N CYS B 23 12.53 -18.67 -0.56
CA CYS B 23 13.40 -17.60 -1.04
C CYS B 23 13.39 -16.44 -0.04
N ALA B 24 14.43 -15.61 -0.13
CA ALA B 24 14.61 -14.54 0.84
C ALA B 24 13.37 -13.65 0.89
N GLY B 25 12.88 -13.40 2.10
CA GLY B 25 11.72 -12.54 2.31
C GLY B 25 10.39 -13.25 2.46
N TRP B 26 10.37 -14.58 2.37
CA TRP B 26 9.12 -15.32 2.40
C TRP B 26 9.20 -16.43 3.44
N ARG B 27 8.04 -16.77 3.99
CA ARG B 27 7.90 -17.88 4.93
C ARG B 27 6.91 -18.89 4.37
N GLN B 28 7.05 -20.12 4.84
CA GLN B 28 6.25 -21.23 4.33
C GLN B 28 4.83 -21.23 4.90
N LYS B 29 3.87 -21.48 4.02
CA LYS B 29 2.52 -21.88 4.38
C LYS B 29 2.19 -23.12 3.57
N ASP B 30 1.92 -24.23 4.26
CA ASP B 30 1.66 -25.50 3.60
C ASP B 30 2.79 -25.89 2.66
N GLN B 31 2.52 -25.93 1.35
CA GLN B 31 3.52 -26.36 0.39
C GLN B 31 4.25 -25.21 -0.32
N GLU B 32 3.91 -23.96 -0.04
CA GLU B 32 4.59 -22.84 -0.70
C GLU B 32 4.96 -21.80 0.35
N CYS B 33 5.65 -20.75 -0.12
CA CYS B 33 6.22 -19.70 0.72
C CYS B 33 5.50 -18.41 0.33
N THR B 34 4.26 -18.27 0.80
CA THR B 34 3.42 -17.13 0.44
C THR B 34 3.16 -16.17 1.58
N ILE B 35 3.84 -16.31 2.72
CA ILE B 35 3.76 -15.36 3.81
C ILE B 35 4.92 -14.36 3.67
N PRO B 36 4.65 -13.11 3.34
CA PRO B 36 5.76 -12.13 3.29
C PRO B 36 6.30 -11.83 4.67
N ILE B 37 7.54 -11.35 4.68
CA ILE B 37 8.25 -11.04 5.91
C ILE B 37 8.46 -9.53 5.99
N CYS B 38 8.03 -8.93 7.10
CA CYS B 38 8.30 -7.53 7.40
C CYS B 38 8.94 -7.47 8.78
N GLU B 39 10.24 -7.20 8.82
CA GLU B 39 11.01 -7.28 10.07
C GLU B 39 12.02 -6.14 10.12
N GLY B 40 12.75 -6.07 11.24
CA GLY B 40 13.78 -5.08 11.43
C GLY B 40 13.22 -3.68 11.26
N PRO B 41 13.88 -2.84 10.45
CA PRO B 41 13.38 -1.47 10.27
C PRO B 41 12.09 -1.40 9.49
N ASP B 42 11.68 -2.48 8.82
CA ASP B 42 10.43 -2.50 8.07
C ASP B 42 9.32 -3.26 8.78
N ALA B 43 9.44 -3.44 10.09
CA ALA B 43 8.37 -4.13 10.82
C ALA B 43 7.10 -3.30 10.74
N CYS B 44 5.96 -3.98 10.73
CA CYS B 44 4.68 -3.32 10.52
C CYS B 44 4.19 -2.70 11.83
N GLN B 45 3.64 -1.49 11.74
CA GLN B 45 3.15 -0.81 12.93
C GLN B 45 1.85 -1.46 13.42
N LYS B 46 1.26 -0.92 14.48
CA LYS B 46 -0.04 -1.41 14.93
C LYS B 46 -1.10 -1.09 13.90
N ASP B 47 -2.03 -2.03 13.73
CA ASP B 47 -3.10 -1.97 12.76
C ASP B 47 -2.60 -2.01 11.33
N GLU B 48 -1.35 -2.44 11.11
CA GLU B 48 -0.82 -2.72 9.79
C GLU B 48 -0.58 -4.22 9.61
N VAL B 49 -0.55 -4.67 8.35
CA VAL B 49 -0.18 -6.03 8.02
C VAL B 49 0.89 -6.03 6.93
N CYS B 50 1.71 -7.08 6.92
CA CYS B 50 2.71 -7.28 5.87
C CYS B 50 2.05 -7.88 4.64
N VAL B 51 2.21 -7.21 3.50
CA VAL B 51 1.64 -7.66 2.24
C VAL B 51 2.70 -8.13 1.24
N LYS B 52 3.92 -7.61 1.32
CA LYS B 52 5.02 -7.95 0.44
C LYS B 52 6.30 -7.87 1.26
N PRO B 53 7.36 -8.55 0.86
CA PRO B 53 8.58 -8.53 1.69
C PRO B 53 8.96 -7.09 1.96
N GLY B 54 9.00 -6.74 3.25
CA GLY B 54 9.37 -5.40 3.66
C GLY B 54 8.39 -4.29 3.37
N LEU B 55 7.13 -4.62 3.08
CA LEU B 55 6.12 -3.61 2.79
C LEU B 55 4.85 -3.89 3.59
N CYS B 56 4.40 -2.88 4.34
CA CYS B 56 3.20 -2.98 5.16
C CYS B 56 2.09 -2.08 4.64
N ARG B 57 0.84 -2.51 4.87
CA ARG B 57 -0.34 -1.72 4.57
C ARG B 57 -1.32 -1.86 5.73
N CYS B 58 -2.29 -0.94 5.78
CA CYS B 58 -3.33 -1.02 6.80
C CYS B 58 -3.99 -2.39 6.77
N LYS B 59 -4.45 -2.83 7.95
CA LYS B 59 -5.05 -4.15 8.07
C LYS B 59 -6.29 -4.26 7.20
N PRO B 60 -6.71 -5.49 6.88
CA PRO B 60 -7.83 -5.67 5.93
C PRO B 60 -9.07 -4.91 6.39
N GLY B 61 -9.72 -4.23 5.43
CA GLY B 61 -10.92 -3.47 5.73
C GLY B 61 -10.71 -2.10 6.32
N PHE B 62 -9.47 -1.64 6.46
CA PHE B 62 -9.21 -0.33 7.03
C PHE B 62 -8.24 0.44 6.13
N PHE B 63 -8.27 1.75 6.28
CA PHE B 63 -7.39 2.63 5.52
C PHE B 63 -7.19 3.91 6.32
N GLY B 64 -6.35 4.80 5.80
CA GLY B 64 -6.14 6.10 6.39
C GLY B 64 -4.81 6.20 7.13
N ALA B 65 -4.51 7.41 7.58
CA ALA B 65 -3.19 7.71 8.12
C ALA B 65 -2.88 6.88 9.36
N HIS B 66 -3.91 6.53 10.15
CA HIS B 66 -3.74 5.69 11.32
C HIS B 66 -4.44 4.35 11.17
N CYS B 67 -4.75 3.96 9.93
CA CYS B 67 -5.37 2.67 9.65
C CYS B 67 -6.56 2.42 10.55
N SER B 68 -7.35 3.48 10.78
CA SER B 68 -8.51 3.40 11.65
C SER B 68 -9.82 3.74 10.95
N SER B 69 -9.80 4.10 9.67
CA SER B 69 -11.03 4.33 8.92
C SER B 69 -11.49 3.03 8.28
N ARG B 70 -12.76 2.70 8.46
CA ARG B 70 -13.35 1.51 7.88
C ARG B 70 -13.59 1.71 6.39
N CYS B 71 -13.20 0.73 5.60
CA CYS B 71 -13.45 0.78 4.16
C CYS B 71 -14.95 0.89 3.91
N PRO B 72 -15.39 1.69 2.94
CA PRO B 72 -16.78 1.61 2.49
C PRO B 72 -17.07 0.26 1.86
N GLY B 73 -18.36 -0.04 1.74
CA GLY B 73 -18.82 -1.40 1.48
C GLY B 73 -18.39 -1.96 0.14
N GLN B 74 -18.05 -1.12 -0.83
CA GLN B 74 -17.66 -1.65 -2.13
C GLN B 74 -16.25 -2.20 -2.16
N TYR B 75 -15.54 -2.22 -1.03
CA TYR B 75 -14.17 -2.70 -1.00
C TYR B 75 -13.95 -3.70 0.14
N TRP B 76 -12.85 -4.44 0.02
CA TRP B 76 -12.33 -5.26 1.11
C TRP B 76 -10.81 -5.34 0.95
N GLY B 77 -10.19 -6.07 1.88
CA GLY B 77 -8.76 -6.26 1.90
C GLY B 77 -8.01 -5.07 2.43
N PRO B 78 -6.69 -5.18 2.53
CA PRO B 78 -5.90 -4.11 3.12
C PRO B 78 -5.94 -2.84 2.28
N ASP B 79 -6.02 -1.70 2.96
CA ASP B 79 -6.18 -0.38 2.33
C ASP B 79 -7.34 -0.33 1.35
N CYS B 80 -8.32 -1.21 1.51
CA CYS B 80 -9.48 -1.26 0.61
C CYS B 80 -9.04 -1.58 -0.82
N ARG B 81 -7.98 -2.38 -0.98
CA ARG B 81 -7.40 -2.61 -2.30
C ARG B 81 -8.25 -3.53 -3.17
N GLU B 82 -9.18 -4.29 -2.57
CA GLU B 82 -9.99 -5.25 -3.31
C GLU B 82 -11.41 -4.74 -3.51
N SER B 83 -12.00 -5.14 -4.64
CA SER B 83 -13.37 -4.78 -4.97
C SER B 83 -14.30 -5.86 -4.44
N CYS B 84 -15.44 -5.43 -3.88
CA CYS B 84 -16.42 -6.36 -3.34
C CYS B 84 -17.49 -6.63 -4.38
N PRO B 85 -17.56 -7.82 -4.98
CA PRO B 85 -18.49 -8.03 -6.10
C PRO B 85 -19.98 -8.05 -5.74
N CYS B 86 -20.33 -8.33 -4.48
CA CYS B 86 -21.73 -8.38 -4.06
C CYS B 86 -22.28 -7.05 -3.56
N HIS B 87 -21.45 -6.03 -3.41
CA HIS B 87 -21.98 -4.69 -3.18
C HIS B 87 -22.86 -4.32 -4.39
N PRO B 88 -24.03 -3.68 -4.17
CA PRO B 88 -24.56 -3.26 -2.87
C PRO B 88 -25.53 -4.21 -2.16
N HIS B 89 -25.72 -5.41 -2.69
CA HIS B 89 -26.65 -6.38 -2.10
C HIS B 89 -26.01 -7.18 -0.98
N GLY B 90 -24.79 -6.84 -0.60
CA GLY B 90 -24.12 -7.45 0.53
C GLY B 90 -22.80 -6.75 0.72
N GLN B 91 -22.06 -7.21 1.72
CA GLN B 91 -20.71 -6.73 1.96
C GLN B 91 -19.76 -7.90 2.12
N CYS B 92 -18.49 -7.61 1.90
CA CYS B 92 -17.45 -8.63 1.88
C CYS B 92 -16.68 -8.64 3.19
N GLU B 93 -16.42 -9.84 3.69
CA GLU B 93 -15.57 -10.02 4.86
C GLU B 93 -14.24 -9.32 4.63
N PRO B 94 -13.75 -8.53 5.58
CA PRO B 94 -12.64 -7.62 5.26
C PRO B 94 -11.39 -8.32 4.78
N ALA B 95 -11.07 -9.49 5.33
CA ALA B 95 -9.81 -10.17 5.00
C ALA B 95 -9.97 -11.24 3.94
N THR B 96 -11.12 -11.90 3.87
CA THR B 96 -11.29 -13.01 2.93
C THR B 96 -12.06 -12.63 1.69
N GLY B 97 -12.90 -11.60 1.75
CA GLY B 97 -13.73 -11.23 0.62
C GLY B 97 -15.04 -11.98 0.53
N ALA B 98 -15.29 -12.94 1.42
CA ALA B 98 -16.48 -13.76 1.34
C ALA B 98 -17.72 -12.92 1.51
N CYS B 99 -18.71 -13.12 0.64
CA CYS B 99 -19.87 -12.25 0.60
C CYS B 99 -20.84 -12.60 1.73
N GLN B 100 -21.31 -11.54 2.40
CA GLN B 100 -22.33 -11.61 3.44
C GLN B 100 -23.54 -10.84 2.92
N CYS B 101 -24.52 -11.58 2.42
CA CYS B 101 -25.69 -10.97 1.80
C CYS B 101 -26.58 -10.29 2.83
N GLN B 102 -27.26 -9.23 2.39
CA GLN B 102 -28.31 -8.64 3.19
C GLN B 102 -29.45 -9.63 3.36
N ALA B 103 -30.47 -9.23 4.13
CA ALA B 103 -31.37 -10.19 4.73
C ALA B 103 -32.05 -11.12 3.71
N ASP B 104 -32.62 -10.55 2.66
CA ASP B 104 -33.35 -11.38 1.70
C ASP B 104 -32.65 -11.46 0.34
N ARG B 105 -31.37 -11.80 0.35
CA ARG B 105 -30.62 -12.04 -0.86
C ARG B 105 -29.87 -13.36 -0.73
N TRP B 106 -29.58 -13.96 -1.88
CA TRP B 106 -28.80 -15.18 -1.94
C TRP B 106 -28.09 -15.22 -3.28
N GLY B 107 -27.26 -16.23 -3.48
CA GLY B 107 -26.44 -16.36 -4.66
C GLY B 107 -24.99 -16.00 -4.37
N ALA B 108 -24.10 -16.42 -5.28
CA ALA B 108 -22.67 -16.24 -5.05
C ALA B 108 -22.31 -14.76 -4.92
N ARG B 109 -23.03 -13.89 -5.62
CA ARG B 109 -22.84 -12.46 -5.53
C ARG B 109 -24.04 -11.76 -4.92
N CYS B 110 -24.87 -12.49 -4.18
CA CYS B 110 -26.10 -11.97 -3.58
C CYS B 110 -27.04 -11.41 -4.64
N GLU B 111 -26.94 -11.93 -5.86
CA GLU B 111 -27.66 -11.35 -6.98
C GLU B 111 -29.15 -11.70 -7.02
N PHE B 112 -29.61 -12.67 -6.24
CA PHE B 112 -30.99 -13.12 -6.32
C PHE B 112 -31.78 -12.72 -5.08
N PRO B 113 -33.04 -12.29 -5.23
CA PRO B 113 -33.84 -11.92 -4.07
C PRO B 113 -34.50 -13.14 -3.43
N SER B 114 -35.10 -12.90 -2.26
CA SER B 114 -35.73 -13.96 -1.46
C SER B 114 -34.70 -14.98 -1.00
#